data_4TKO
#
_entry.id   4TKO
#
_cell.length_a   81.366
_cell.length_b   81.366
_cell.length_c   541.695
_cell.angle_alpha   90.00
_cell.angle_beta   90.00
_cell.angle_gamma   90.00
#
_symmetry.space_group_name_H-M   'I 41 2 2'
#
loop_
_entity.id
_entity.type
_entity.pdbx_description
1 polymer EmrA
2 non-polymer 'MAGNESIUM ION'
3 non-polymer 'ISOPROPYL ALCOHOL'
4 water water
#
_entity_poly.entity_id   1
_entity_poly.type   'polypeptide(L)'
_entity_poly.pdbx_seq_one_letter_code
;MKHRIEYAITNAVFVKADELSYLSFRVSGKVIEVYKDLGDYVKRGEALAKLDPTYYELEKRTLEKKMSALLEKKKALEIK
IQKLEKGLHISLSAKKLKVESLKKKREALREKLLQVEEKIKLVKLDWERYKSLFQKGLIPRRKFEEVDTNLKVLLHEREY
LEKSIQEINTEIKRAKKGIENARNEFKTIEELKKELSSLEEEIKSLKERIKTAEQKIKDTVLIAPFDGVVAKRFISRGDV
VRAGQPAFALVNPESFYVEVLLEETKLKGVKVGNKAYVRLDAYPDILFEGVVEEISPASAATFALVPRDVSAGEFTKVVQ
RIPVKIKITKGDLSLLRVGMGGEVEIRRTRLEHHHHHH
;
_entity_poly.pdbx_strand_id   B
#
# COMPACT_ATOMS: atom_id res chain seq x y z
N HIS A 3 21.05 -68.19 17.91
CA HIS A 3 21.61 -68.19 16.56
C HIS A 3 23.01 -67.57 16.55
N ARG A 4 23.13 -66.40 17.19
CA ARG A 4 24.42 -65.71 17.34
C ARG A 4 24.45 -64.95 18.66
N ILE A 5 25.45 -65.22 19.48
CA ILE A 5 25.55 -64.52 20.77
C ILE A 5 26.25 -63.19 20.61
N GLU A 6 26.64 -62.87 19.38
CA GLU A 6 27.17 -61.55 19.07
C GLU A 6 26.01 -60.59 18.86
N TYR A 7 24.84 -61.13 18.51
CA TYR A 7 23.71 -60.30 18.13
C TYR A 7 22.40 -60.61 18.84
N ALA A 8 21.84 -59.59 19.49
CA ALA A 8 20.46 -59.65 19.94
C ALA A 8 19.59 -59.45 18.73
N ILE A 9 18.74 -60.43 18.45
CA ILE A 9 17.83 -60.35 17.32
C ILE A 9 16.39 -60.25 17.86
N THR A 10 15.58 -59.41 17.23
CA THR A 10 14.17 -59.32 17.58
C THR A 10 13.31 -58.93 16.38
N ASN A 11 12.03 -59.30 16.44
CA ASN A 11 11.10 -58.96 15.36
C ASN A 11 10.04 -57.95 15.85
N ALA A 12 10.24 -57.45 17.05
CA ALA A 12 9.38 -56.43 17.62
C ALA A 12 9.94 -55.05 17.28
N VAL A 13 9.76 -54.63 16.03
CA VAL A 13 10.35 -53.37 15.58
C VAL A 13 9.30 -52.43 15.00
N PHE A 14 9.32 -51.19 15.47
CA PHE A 14 8.37 -50.18 14.97
C PHE A 14 9.12 -48.98 14.50
N VAL A 15 8.90 -48.61 13.23
CA VAL A 15 9.41 -47.34 12.74
C VAL A 15 8.55 -46.21 13.33
N LYS A 16 9.20 -45.29 14.03
CA LYS A 16 8.49 -44.19 14.68
C LYS A 16 9.06 -42.84 14.27
N ALA A 17 8.31 -41.78 14.57
CA ALA A 17 8.70 -40.42 14.22
C ALA A 17 8.63 -39.49 15.43
N ASP A 18 9.77 -38.93 15.80
CA ASP A 18 9.84 -38.00 16.93
C ASP A 18 9.09 -36.70 16.62
N GLU A 19 9.54 -35.98 15.61
CA GLU A 19 8.96 -34.68 15.31
C GLU A 19 8.19 -34.65 13.98
N LEU A 20 6.86 -34.65 14.07
CA LEU A 20 6.04 -34.40 12.90
C LEU A 20 5.32 -33.07 13.04
N SER A 21 4.77 -32.57 11.93
CA SER A 21 4.11 -31.27 11.92
C SER A 21 2.76 -31.35 11.30
N TYR A 22 1.81 -30.63 11.89
CA TYR A 22 0.45 -30.63 11.40
C TYR A 22 0.30 -29.47 10.41
N LEU A 23 -0.32 -29.73 9.26
CA LEU A 23 -0.56 -28.68 8.27
C LEU A 23 -2.02 -28.28 8.21
N SER A 24 -2.25 -26.99 7.96
CA SER A 24 -3.60 -26.49 7.93
C SER A 24 -3.74 -25.44 6.82
N PHE A 25 -4.97 -25.14 6.43
CA PHE A 25 -5.25 -23.99 5.56
C PHE A 25 -5.31 -22.73 6.44
N ARG A 26 -4.91 -21.58 5.89
CA ARG A 26 -4.95 -20.34 6.64
C ARG A 26 -6.33 -19.69 6.51
N VAL A 27 -7.17 -20.28 5.68
CA VAL A 27 -8.56 -19.89 5.57
C VAL A 27 -9.45 -21.13 5.66
N SER A 28 -10.74 -20.91 5.90
CA SER A 28 -11.69 -22.00 5.91
C SER A 28 -12.28 -22.20 4.52
N GLY A 29 -12.91 -23.34 4.30
CA GLY A 29 -13.51 -23.61 3.02
C GLY A 29 -13.82 -25.07 2.83
N LYS A 30 -14.31 -25.43 1.64
CA LYS A 30 -14.69 -26.80 1.29
C LYS A 30 -13.57 -27.46 0.50
N VAL A 31 -13.06 -28.58 1.00
CA VAL A 31 -12.02 -29.28 0.26
C VAL A 31 -12.58 -29.80 -1.04
N ILE A 32 -11.95 -29.49 -2.16
CA ILE A 32 -12.44 -30.02 -3.43
C ILE A 32 -11.47 -30.94 -4.17
N GLU A 33 -10.21 -30.99 -3.74
CA GLU A 33 -9.19 -31.81 -4.37
C GLU A 33 -8.12 -32.22 -3.35
N VAL A 34 -7.71 -33.48 -3.42
CA VAL A 34 -6.61 -33.97 -2.60
C VAL A 34 -5.51 -34.54 -3.49
N TYR A 35 -4.35 -33.93 -3.46
CA TYR A 35 -3.29 -34.29 -4.39
C TYR A 35 -2.31 -35.32 -3.83
N LYS A 36 -2.31 -35.47 -2.51
CA LYS A 36 -1.33 -36.31 -1.83
C LYS A 36 -2.08 -37.16 -0.82
N ASP A 37 -1.52 -38.32 -0.49
CA ASP A 37 -2.21 -39.21 0.44
C ASP A 37 -1.18 -39.74 1.42
N LEU A 38 -1.70 -40.42 2.44
CA LEU A 38 -0.87 -41.10 3.44
C LEU A 38 0.26 -41.86 2.76
N GLY A 39 1.48 -41.69 3.25
CA GLY A 39 2.63 -42.34 2.66
C GLY A 39 3.37 -41.61 1.55
N ASP A 40 2.80 -40.54 0.99
CA ASP A 40 3.51 -39.83 -0.08
C ASP A 40 4.69 -39.04 0.45
N TYR A 41 5.78 -39.06 -0.32
CA TYR A 41 6.89 -38.13 -0.10
C TYR A 41 6.58 -36.86 -0.86
N VAL A 42 6.80 -35.72 -0.21
CA VAL A 42 6.48 -34.45 -0.85
C VAL A 42 7.59 -33.45 -0.67
N LYS A 43 7.77 -32.67 -1.72
CA LYS A 43 8.84 -31.70 -1.80
C LYS A 43 8.29 -30.35 -1.38
N ARG A 44 9.08 -29.60 -0.62
CA ARG A 44 8.74 -28.25 -0.21
C ARG A 44 8.18 -27.46 -1.39
N GLY A 45 6.92 -27.06 -1.28
CA GLY A 45 6.29 -26.26 -2.31
C GLY A 45 5.16 -26.98 -3.03
N GLU A 46 5.17 -28.30 -2.98
CA GLU A 46 4.11 -29.10 -3.62
C GLU A 46 2.75 -28.79 -3.03
N ALA A 47 1.72 -28.84 -3.88
CA ALA A 47 0.35 -28.75 -3.40
C ALA A 47 -0.07 -30.09 -2.84
N LEU A 48 -0.74 -30.06 -1.70
CA LEU A 48 -1.21 -31.27 -1.06
C LEU A 48 -2.70 -31.38 -1.23
N ALA A 49 -3.37 -30.22 -1.21
CA ALA A 49 -4.83 -30.21 -1.30
C ALA A 49 -5.33 -28.82 -1.65
N LYS A 50 -6.61 -28.70 -1.95
CA LYS A 50 -7.11 -27.42 -2.43
C LYS A 50 -8.55 -27.19 -2.02
N LEU A 51 -8.87 -25.94 -1.67
CA LEU A 51 -10.23 -25.57 -1.31
C LEU A 51 -10.96 -24.90 -2.48
N ASP A 52 -12.28 -24.95 -2.46
CA ASP A 52 -13.09 -24.22 -3.42
C ASP A 52 -12.99 -22.71 -3.17
N PRO A 53 -12.47 -21.95 -4.15
CA PRO A 53 -12.16 -20.54 -3.90
C PRO A 53 -13.24 -19.54 -4.32
N THR A 54 -14.35 -19.99 -4.89
CA THR A 54 -15.27 -19.07 -5.53
C THR A 54 -15.66 -17.93 -4.59
N TYR A 55 -15.97 -18.25 -3.34
CA TYR A 55 -16.37 -17.25 -2.36
C TYR A 55 -15.33 -16.14 -2.19
N TYR A 56 -14.07 -16.54 -1.97
CA TYR A 56 -13.01 -15.57 -1.77
C TYR A 56 -12.75 -14.77 -3.05
N GLU A 57 -13.08 -15.37 -4.19
CA GLU A 57 -12.89 -14.68 -5.46
C GLU A 57 -14.01 -13.69 -5.73
N LEU A 58 -15.20 -14.02 -5.29
CA LEU A 58 -16.31 -13.09 -5.33
C LEU A 58 -15.98 -11.89 -4.45
N GLU A 59 -15.60 -12.18 -3.21
CA GLU A 59 -15.23 -11.16 -2.25
C GLU A 59 -14.22 -10.18 -2.83
N LYS A 60 -13.25 -10.69 -3.57
CA LYS A 60 -12.24 -9.84 -4.17
C LYS A 60 -12.86 -8.99 -5.27
N ARG A 61 -13.71 -9.61 -6.08
CA ARG A 61 -14.23 -8.90 -7.23
C ARG A 61 -15.38 -7.99 -6.82
N THR A 62 -16.06 -8.33 -5.73
CA THR A 62 -16.98 -7.38 -5.12
C THR A 62 -16.24 -6.09 -4.79
N LEU A 63 -14.96 -6.21 -4.47
CA LEU A 63 -14.15 -5.06 -4.11
C LEU A 63 -13.63 -4.34 -5.33
N GLU A 64 -13.36 -5.09 -6.39
CA GLU A 64 -12.87 -4.51 -7.63
C GLU A 64 -13.98 -3.72 -8.34
N LYS A 65 -15.23 -4.07 -8.05
CA LYS A 65 -16.35 -3.29 -8.53
C LYS A 65 -16.32 -1.93 -7.86
N LYS A 66 -16.26 -1.94 -6.54
CA LYS A 66 -16.24 -0.73 -5.74
C LYS A 66 -14.99 0.10 -5.99
N MET A 67 -13.93 -0.56 -6.45
CA MET A 67 -12.68 0.11 -6.79
C MET A 67 -12.85 1.02 -8.01
N SER A 68 -13.36 0.46 -9.11
CA SER A 68 -13.54 1.23 -10.33
C SER A 68 -14.67 2.25 -10.18
N ALA A 69 -15.50 2.08 -9.15
CA ALA A 69 -16.60 3.00 -8.86
C ALA A 69 -16.08 4.20 -8.07
N LEU A 70 -14.83 4.11 -7.64
CA LEU A 70 -14.17 5.18 -6.92
C LEU A 70 -13.04 5.75 -7.79
N LEU A 71 -12.86 5.17 -8.97
CA LEU A 71 -11.98 5.76 -9.96
C LEU A 71 -12.83 6.50 -10.98
N GLU A 72 -14.14 6.27 -10.91
CA GLU A 72 -15.11 6.97 -11.73
C GLU A 72 -15.69 8.14 -10.94
N LYS A 73 -15.02 8.46 -9.84
CA LYS A 73 -15.33 9.65 -9.09
C LYS A 73 -14.05 10.48 -9.01
N LYS A 74 -12.94 9.79 -8.82
CA LYS A 74 -11.65 10.46 -8.75
C LYS A 74 -11.42 11.27 -10.02
N LYS A 75 -11.60 10.66 -11.18
CA LYS A 75 -11.41 11.38 -12.44
C LYS A 75 -12.61 12.26 -12.78
N ALA A 76 -13.76 11.95 -12.19
CA ALA A 76 -14.98 12.75 -12.40
C ALA A 76 -14.76 14.17 -11.89
N LEU A 77 -14.16 14.29 -10.71
CA LEU A 77 -13.87 15.61 -10.16
C LEU A 77 -12.37 15.87 -10.08
N GLU A 78 -11.62 15.29 -11.01
CA GLU A 78 -10.28 15.77 -11.31
C GLU A 78 -10.40 16.61 -12.57
N ILE A 79 -11.51 16.38 -13.27
CA ILE A 79 -11.90 17.22 -14.39
C ILE A 79 -12.57 18.46 -13.82
N LYS A 80 -13.54 18.26 -12.93
CA LYS A 80 -14.25 19.35 -12.29
C LYS A 80 -13.32 20.35 -11.58
N ILE A 81 -12.25 19.87 -10.96
CA ILE A 81 -11.36 20.78 -10.23
C ILE A 81 -10.26 21.36 -11.13
N GLN A 82 -10.10 20.83 -12.34
CA GLN A 82 -9.13 21.42 -13.26
C GLN A 82 -9.86 22.27 -14.30
N LYS A 83 -11.19 22.28 -14.21
CA LYS A 83 -12.02 23.13 -15.08
C LYS A 83 -12.42 24.40 -14.33
N LEU A 84 -12.35 24.35 -13.01
CA LEU A 84 -12.53 25.55 -12.20
C LEU A 84 -11.17 26.19 -11.96
N GLU A 85 -10.11 25.43 -12.21
CA GLU A 85 -8.74 25.91 -12.07
C GLU A 85 -8.27 26.66 -13.32
N LYS A 86 -9.00 26.48 -14.42
CA LYS A 86 -8.76 27.27 -15.63
C LYS A 86 -9.91 28.24 -15.83
N GLY A 87 -10.91 28.16 -14.96
CA GLY A 87 -12.02 29.10 -14.95
C GLY A 87 -11.69 30.31 -14.10
N LEU A 88 -10.43 30.38 -13.66
CA LEU A 88 -9.97 31.48 -12.84
C LEU A 88 -8.63 32.01 -13.33
N HIS A 89 -7.89 31.18 -14.06
CA HIS A 89 -6.58 31.58 -14.53
C HIS A 89 -6.69 32.52 -15.73
N ILE A 90 -7.48 32.12 -16.73
CA ILE A 90 -7.75 33.01 -17.85
C ILE A 90 -8.71 34.11 -17.41
N SER A 91 -9.46 33.84 -16.34
CA SER A 91 -10.43 34.80 -15.82
C SER A 91 -9.80 35.88 -14.92
N LEU A 92 -8.69 35.56 -14.25
CA LEU A 92 -8.00 36.56 -13.42
C LEU A 92 -6.97 37.32 -14.24
N SER A 93 -6.37 36.67 -15.23
CA SER A 93 -5.37 37.33 -16.07
C SER A 93 -6.03 38.44 -16.92
N ALA A 94 -7.34 38.32 -17.12
CA ALA A 94 -8.11 39.33 -17.84
C ALA A 94 -8.40 40.56 -16.96
N LYS A 95 -8.78 40.32 -15.71
CA LYS A 95 -9.03 41.40 -14.76
C LYS A 95 -7.72 42.04 -14.29
N LYS A 96 -6.62 41.34 -14.51
CA LYS A 96 -5.29 41.85 -14.22
C LYS A 96 -4.83 42.86 -15.27
N LEU A 97 -5.15 42.58 -16.53
CA LEU A 97 -4.79 43.46 -17.64
C LEU A 97 -5.67 44.71 -17.68
N LYS A 98 -6.89 44.61 -17.15
CA LYS A 98 -7.79 45.76 -17.08
C LYS A 98 -7.60 46.49 -15.76
N VAL A 99 -6.49 46.19 -15.09
CA VAL A 99 -6.00 47.01 -14.00
C VAL A 99 -4.65 47.54 -14.41
N GLU A 100 -3.95 46.79 -15.26
CA GLU A 100 -2.69 47.23 -15.81
C GLU A 100 -2.93 48.12 -17.03
N SER A 101 -4.19 48.26 -17.42
CA SER A 101 -4.56 49.15 -18.52
C SER A 101 -5.18 50.43 -17.99
N LEU A 102 -5.87 50.32 -16.85
CA LEU A 102 -6.43 51.50 -16.21
C LEU A 102 -5.32 52.28 -15.49
N LYS A 103 -4.32 51.57 -14.99
CA LYS A 103 -3.22 52.20 -14.27
C LYS A 103 -2.26 52.93 -15.20
N LYS A 104 -2.17 52.48 -16.44
CA LYS A 104 -1.35 53.16 -17.45
C LYS A 104 -2.13 54.33 -18.05
N LYS A 105 -3.42 54.13 -18.23
CA LYS A 105 -4.30 55.17 -18.74
C LYS A 105 -4.39 56.30 -17.72
N ARG A 106 -4.24 55.95 -16.44
CA ARG A 106 -4.21 56.93 -15.38
C ARG A 106 -2.88 57.67 -15.34
N GLU A 107 -1.77 56.95 -15.53
CA GLU A 107 -0.45 57.57 -15.52
C GLU A 107 -0.22 58.48 -16.72
N ALA A 108 -1.12 58.38 -17.70
CA ALA A 108 -1.10 59.28 -18.84
C ALA A 108 -1.70 60.61 -18.43
N LEU A 109 -2.80 60.55 -17.69
CA LEU A 109 -3.44 61.74 -17.15
C LEU A 109 -2.56 62.45 -16.12
N ARG A 110 -2.11 61.70 -15.13
CA ARG A 110 -1.32 62.26 -14.05
C ARG A 110 -0.08 63.00 -14.54
N GLU A 111 0.28 62.78 -15.81
CA GLU A 111 1.41 63.49 -16.40
C GLU A 111 0.96 64.71 -17.20
N LYS A 112 -0.18 64.60 -17.87
CA LYS A 112 -0.76 65.75 -18.54
C LYS A 112 -1.30 66.71 -17.48
N LEU A 113 -1.71 66.16 -16.34
CA LEU A 113 -2.12 66.98 -15.22
C LEU A 113 -0.95 67.70 -14.60
N LEU A 114 0.23 67.10 -14.69
CA LEU A 114 1.41 67.71 -14.10
C LEU A 114 1.86 68.87 -14.99
N GLN A 115 1.77 68.69 -16.30
CA GLN A 115 2.16 69.74 -17.23
C GLN A 115 1.22 70.93 -17.10
N VAL A 116 -0.07 70.65 -16.93
CA VAL A 116 -1.04 71.71 -16.76
C VAL A 116 -0.82 72.43 -15.43
N GLU A 117 -0.48 71.67 -14.39
CA GLU A 117 -0.22 72.28 -13.10
C GLU A 117 1.06 73.12 -13.13
N GLU A 118 1.92 72.86 -14.11
CA GLU A 118 3.12 73.67 -14.32
C GLU A 118 2.75 75.05 -14.86
N LYS A 119 2.00 75.04 -15.95
CA LYS A 119 1.46 76.24 -16.55
C LYS A 119 0.69 77.07 -15.53
N ILE A 120 -0.24 76.44 -14.81
CA ILE A 120 -1.04 77.18 -13.85
C ILE A 120 -0.18 77.92 -12.83
N LYS A 121 0.97 77.35 -12.48
CA LYS A 121 1.85 78.00 -11.51
C LYS A 121 2.35 79.33 -12.06
N LEU A 122 2.73 79.33 -13.34
CA LEU A 122 3.25 80.52 -14.00
C LEU A 122 2.19 81.58 -14.18
N VAL A 123 1.11 81.22 -14.87
CA VAL A 123 -0.02 82.11 -15.09
C VAL A 123 -0.62 82.67 -13.79
N LYS A 124 -0.51 81.92 -12.68
CA LYS A 124 -0.96 82.47 -11.40
C LYS A 124 -0.12 83.68 -11.02
N LEU A 125 1.19 83.55 -11.18
CA LEU A 125 2.09 84.66 -10.95
C LEU A 125 1.80 85.85 -11.88
N ASP A 126 1.62 85.57 -13.17
CA ASP A 126 1.31 86.64 -14.11
C ASP A 126 0.05 87.35 -13.65
N TRP A 127 -0.95 86.55 -13.28
CA TRP A 127 -2.23 87.05 -12.79
C TRP A 127 -2.04 87.99 -11.60
N GLU A 128 -1.35 87.52 -10.56
CA GLU A 128 -1.04 88.35 -9.38
C GLU A 128 -0.42 89.68 -9.78
N ARG A 129 0.60 89.60 -10.62
CA ARG A 129 1.33 90.76 -11.09
C ARG A 129 0.40 91.71 -11.87
N TYR A 130 -0.16 91.22 -12.97
CA TYR A 130 -1.05 92.03 -13.79
C TYR A 130 -2.22 92.63 -12.97
N LYS A 131 -2.67 91.93 -11.95
CA LYS A 131 -3.69 92.50 -11.07
C LYS A 131 -3.15 93.76 -10.40
N SER A 132 -2.05 93.62 -9.66
CA SER A 132 -1.41 94.75 -8.99
C SER A 132 -1.13 95.92 -9.95
N LEU A 133 -0.68 95.62 -11.16
CA LEU A 133 -0.43 96.66 -12.16
C LEU A 133 -1.69 97.31 -12.71
N PHE A 134 -2.81 96.61 -12.67
CA PHE A 134 -4.05 97.21 -13.17
C PHE A 134 -4.66 98.13 -12.13
N GLN A 135 -4.57 97.69 -10.87
CA GLN A 135 -5.01 98.50 -9.75
C GLN A 135 -4.29 99.86 -9.74
N LYS A 136 -3.00 99.84 -10.03
CA LYS A 136 -2.20 101.07 -10.03
C LYS A 136 -2.27 101.92 -11.33
N GLY A 137 -3.08 101.52 -12.29
CA GLY A 137 -3.20 102.30 -13.51
C GLY A 137 -2.05 102.12 -14.50
N LEU A 138 -1.20 101.13 -14.24
CA LEU A 138 -0.01 100.91 -15.06
C LEU A 138 -0.24 99.98 -16.25
N ILE A 139 -1.45 99.42 -16.36
CA ILE A 139 -1.83 98.65 -17.54
C ILE A 139 -3.31 98.78 -17.80
N PRO A 140 -3.72 98.59 -19.07
CA PRO A 140 -5.11 98.49 -19.51
C PRO A 140 -5.80 97.28 -18.85
N ARG A 141 -7.12 97.31 -18.71
CA ARG A 141 -7.82 96.15 -18.15
C ARG A 141 -7.76 94.99 -19.14
N ARG A 142 -7.75 95.32 -20.43
CA ARG A 142 -7.69 94.34 -21.51
C ARG A 142 -6.55 93.34 -21.32
N LYS A 143 -5.45 93.81 -20.77
CA LYS A 143 -4.30 92.95 -20.61
C LYS A 143 -4.43 92.05 -19.39
N PHE A 144 -5.15 92.52 -18.39
CA PHE A 144 -5.27 91.75 -17.16
C PHE A 144 -6.33 90.67 -17.26
N GLU A 145 -7.47 91.01 -17.87
CA GLU A 145 -8.52 90.02 -18.04
C GLU A 145 -8.04 88.98 -19.06
N GLU A 146 -7.16 89.41 -19.95
CA GLU A 146 -6.55 88.52 -20.93
C GLU A 146 -5.82 87.36 -20.22
N VAL A 147 -5.09 87.72 -19.18
CA VAL A 147 -4.44 86.74 -18.31
C VAL A 147 -5.48 85.95 -17.53
N ASP A 148 -6.42 86.67 -16.93
CA ASP A 148 -7.45 86.08 -16.10
C ASP A 148 -8.23 84.97 -16.82
N THR A 149 -8.62 85.17 -18.07
CA THR A 149 -9.42 84.16 -18.72
C THR A 149 -8.55 83.03 -19.24
N ASN A 150 -7.27 83.30 -19.49
CA ASN A 150 -6.35 82.21 -19.77
C ASN A 150 -6.19 81.30 -18.55
N LEU A 151 -6.21 81.89 -17.35
CA LEU A 151 -6.07 81.12 -16.13
C LEU A 151 -7.33 80.31 -15.90
N LYS A 152 -8.47 80.84 -16.32
CA LYS A 152 -9.72 80.15 -16.15
C LYS A 152 -9.72 78.87 -17.01
N VAL A 153 -9.29 79.02 -18.26
CA VAL A 153 -9.18 77.89 -19.16
C VAL A 153 -8.32 76.78 -18.56
N LEU A 154 -7.08 77.11 -18.21
CA LEU A 154 -6.18 76.17 -17.57
C LEU A 154 -6.78 75.56 -16.28
N LEU A 155 -7.60 76.33 -15.57
CA LEU A 155 -8.09 75.87 -14.27
C LEU A 155 -9.22 74.85 -14.41
N HIS A 156 -10.00 74.97 -15.48
CA HIS A 156 -11.12 74.07 -15.67
C HIS A 156 -10.77 73.03 -16.72
N GLU A 157 -9.57 73.13 -17.28
CA GLU A 157 -9.01 72.02 -18.04
C GLU A 157 -8.13 71.21 -17.08
N ARG A 158 -8.07 71.66 -15.83
CA ARG A 158 -7.36 70.93 -14.79
C ARG A 158 -8.28 69.92 -14.14
N GLU A 159 -9.33 70.40 -13.48
CA GLU A 159 -10.21 69.50 -12.74
C GLU A 159 -11.09 68.69 -13.70
N TYR A 160 -10.93 68.94 -14.99
CA TYR A 160 -11.44 68.01 -16.00
C TYR A 160 -10.54 66.78 -16.01
N LEU A 161 -9.24 67.01 -15.83
CA LEU A 161 -8.28 65.93 -15.75
C LEU A 161 -8.38 65.19 -14.42
N GLU A 162 -8.76 65.89 -13.35
CA GLU A 162 -8.71 65.27 -12.02
C GLU A 162 -10.03 64.60 -11.61
N LYS A 163 -11.15 65.01 -12.21
CA LYS A 163 -12.39 64.26 -12.02
C LYS A 163 -12.33 63.04 -12.93
N SER A 164 -11.67 63.21 -14.07
CA SER A 164 -11.37 62.11 -14.96
C SER A 164 -10.27 61.21 -14.38
N ILE A 165 -9.85 61.49 -13.15
CA ILE A 165 -8.89 60.66 -12.45
C ILE A 165 -9.58 59.89 -11.32
N GLN A 166 -10.32 60.59 -10.48
CA GLN A 166 -11.04 59.95 -9.38
C GLN A 166 -12.15 59.03 -9.92
N GLU A 167 -12.49 59.21 -11.20
CA GLU A 167 -13.46 58.34 -11.87
C GLU A 167 -12.77 57.10 -12.45
N ILE A 168 -11.51 57.26 -12.85
CA ILE A 168 -10.72 56.13 -13.31
C ILE A 168 -10.03 55.47 -12.11
N ASN A 169 -10.32 55.96 -10.91
CA ASN A 169 -9.75 55.39 -9.70
C ASN A 169 -10.78 54.60 -8.90
N THR A 170 -12.05 54.96 -9.01
CA THR A 170 -13.10 54.18 -8.36
C THR A 170 -13.40 52.93 -9.20
N GLU A 171 -13.28 53.06 -10.52
CA GLU A 171 -13.46 51.92 -11.41
C GLU A 171 -12.34 50.90 -11.24
N ILE A 172 -11.13 51.40 -11.00
CA ILE A 172 -9.98 50.55 -10.70
C ILE A 172 -10.18 49.81 -9.37
N LYS A 173 -10.65 50.52 -8.35
CA LYS A 173 -10.90 49.92 -7.03
C LYS A 173 -12.00 48.87 -7.10
N ARG A 174 -12.93 49.05 -8.02
CA ARG A 174 -14.01 48.09 -8.24
C ARG A 174 -13.48 46.83 -8.90
N ALA A 175 -12.59 47.00 -9.86
CA ALA A 175 -11.94 45.88 -10.51
C ALA A 175 -11.05 45.13 -9.53
N LYS A 176 -10.56 45.85 -8.53
CA LYS A 176 -9.67 45.26 -7.52
C LYS A 176 -10.44 44.51 -6.43
N LYS A 177 -11.71 44.87 -6.22
CA LYS A 177 -12.58 44.12 -5.31
C LYS A 177 -13.03 42.85 -5.98
N GLY A 178 -13.30 42.93 -7.28
CA GLY A 178 -13.63 41.76 -8.08
C GLY A 178 -12.54 40.71 -8.02
N ILE A 179 -11.32 41.13 -7.71
CA ILE A 179 -10.21 40.20 -7.57
C ILE A 179 -10.35 39.40 -6.27
N GLU A 180 -10.89 40.04 -5.24
CA GLU A 180 -11.07 39.38 -3.95
C GLU A 180 -12.14 38.29 -4.00
N ASN A 181 -13.08 38.41 -4.93
CA ASN A 181 -14.10 37.39 -5.11
C ASN A 181 -13.54 36.06 -5.60
N ALA A 182 -12.48 36.13 -6.39
CA ALA A 182 -11.82 34.93 -6.91
C ALA A 182 -10.89 34.28 -5.88
N ARG A 183 -10.57 35.03 -4.83
CA ARG A 183 -9.83 34.47 -3.69
C ARG A 183 -10.78 33.58 -2.86
N ASN A 184 -12.07 33.90 -2.91
CA ASN A 184 -13.10 33.02 -2.34
C ASN A 184 -13.42 31.88 -3.29
N GLU A 185 -13.07 32.07 -4.56
CA GLU A 185 -13.22 31.03 -5.57
C GLU A 185 -12.21 29.90 -5.34
N PHE A 186 -10.94 30.27 -5.16
CA PHE A 186 -9.91 29.26 -4.97
C PHE A 186 -10.00 28.64 -3.57
N LYS A 187 -10.67 29.33 -2.66
CA LYS A 187 -10.86 28.79 -1.32
C LYS A 187 -11.93 27.70 -1.34
N THR A 188 -12.87 27.83 -2.28
CA THR A 188 -13.92 26.84 -2.48
C THR A 188 -13.44 25.70 -3.37
N ILE A 189 -12.37 25.95 -4.12
CA ILE A 189 -11.69 24.91 -4.89
C ILE A 189 -10.85 24.03 -3.95
N GLU A 190 -10.21 24.66 -2.99
CA GLU A 190 -9.41 23.94 -2.00
C GLU A 190 -10.32 23.19 -1.03
N GLU A 191 -11.56 23.67 -0.91
CA GLU A 191 -12.58 22.95 -0.15
C GLU A 191 -13.02 21.73 -0.94
N LEU A 192 -13.15 21.87 -2.25
CA LEU A 192 -13.45 20.73 -3.11
C LEU A 192 -12.27 19.76 -3.16
N LYS A 193 -11.07 20.27 -2.90
CA LYS A 193 -9.85 19.47 -2.98
C LYS A 193 -9.57 18.65 -1.72
N LYS A 194 -10.16 19.05 -0.59
CA LYS A 194 -10.03 18.30 0.65
C LYS A 194 -10.87 17.03 0.55
N GLU A 195 -11.54 16.89 -0.59
CA GLU A 195 -12.37 15.73 -0.89
C GLU A 195 -11.66 14.77 -1.83
N LEU A 196 -10.77 15.29 -2.67
CA LEU A 196 -10.03 14.45 -3.59
C LEU A 196 -9.03 13.56 -2.85
N SER A 197 -8.43 14.09 -1.79
CA SER A 197 -7.44 13.33 -1.04
C SER A 197 -8.10 12.38 -0.04
N SER A 198 -9.39 12.60 0.21
CA SER A 198 -10.17 11.69 1.05
C SER A 198 -10.81 10.60 0.19
N LEU A 199 -10.58 10.67 -1.12
CA LEU A 199 -11.13 9.69 -2.04
C LEU A 199 -10.04 8.70 -2.43
N GLU A 200 -8.85 9.22 -2.66
CA GLU A 200 -7.70 8.38 -2.93
C GLU A 200 -7.11 7.89 -1.60
N GLU A 201 -7.83 8.16 -0.51
CA GLU A 201 -7.54 7.55 0.78
C GLU A 201 -8.48 6.38 1.00
N GLU A 202 -9.64 6.44 0.37
CA GLU A 202 -10.57 5.32 0.35
C GLU A 202 -10.10 4.29 -0.69
N ILE A 203 -9.30 4.76 -1.64
CA ILE A 203 -8.70 3.90 -2.64
C ILE A 203 -7.45 3.22 -2.10
N LYS A 204 -6.71 3.95 -1.28
CA LYS A 204 -5.48 3.42 -0.70
C LYS A 204 -5.82 2.22 0.17
N SER A 205 -6.95 2.30 0.88
CA SER A 205 -7.33 1.24 1.80
C SER A 205 -8.05 0.11 1.07
N LEU A 206 -8.58 0.40 -0.11
CA LEU A 206 -9.22 -0.62 -0.93
C LEU A 206 -8.18 -1.48 -1.63
N LYS A 207 -7.10 -0.86 -2.08
CA LYS A 207 -6.03 -1.61 -2.69
C LYS A 207 -5.48 -2.59 -1.67
N GLU A 208 -5.63 -2.23 -0.40
CA GLU A 208 -5.16 -3.06 0.71
C GLU A 208 -6.11 -4.22 0.96
N ARG A 209 -7.40 -3.95 0.89
CA ARG A 209 -8.41 -4.99 1.07
C ARG A 209 -8.34 -6.04 -0.05
N ILE A 210 -8.14 -5.56 -1.28
CA ILE A 210 -7.84 -6.42 -2.42
C ILE A 210 -6.64 -7.31 -2.16
N LYS A 211 -5.50 -6.69 -1.88
CA LYS A 211 -4.25 -7.40 -1.60
C LYS A 211 -4.46 -8.55 -0.60
N THR A 212 -5.34 -8.31 0.35
CA THR A 212 -5.63 -9.25 1.41
C THR A 212 -6.55 -10.37 0.92
N ALA A 213 -7.55 -10.01 0.13
CA ALA A 213 -8.40 -10.97 -0.55
C ALA A 213 -7.60 -11.90 -1.48
N GLU A 214 -6.69 -11.34 -2.26
CA GLU A 214 -5.87 -12.18 -3.12
C GLU A 214 -5.05 -13.15 -2.29
N GLN A 215 -4.79 -12.80 -1.04
CA GLN A 215 -4.06 -13.72 -0.18
C GLN A 215 -4.95 -14.89 0.19
N LYS A 216 -6.17 -14.58 0.61
CA LYS A 216 -7.12 -15.61 0.99
C LYS A 216 -7.29 -16.60 -0.17
N ILE A 217 -7.32 -16.07 -1.40
CA ILE A 217 -7.48 -16.89 -2.57
C ILE A 217 -6.27 -17.81 -2.74
N LYS A 218 -5.08 -17.24 -2.59
CA LYS A 218 -3.85 -18.01 -2.70
C LYS A 218 -3.75 -19.06 -1.56
N ASP A 219 -4.31 -18.74 -0.40
CA ASP A 219 -4.25 -19.65 0.74
C ASP A 219 -5.20 -20.83 0.63
N THR A 220 -5.95 -20.90 -0.48
CA THR A 220 -6.88 -22.01 -0.65
C THR A 220 -6.13 -23.22 -1.16
N VAL A 221 -4.87 -23.03 -1.58
CA VAL A 221 -4.06 -24.19 -1.88
C VAL A 221 -3.06 -24.46 -0.77
N LEU A 222 -3.22 -25.60 -0.13
CA LEU A 222 -2.31 -26.08 0.89
C LEU A 222 -0.98 -26.58 0.33
N ILE A 223 0.10 -25.82 0.47
CA ILE A 223 1.38 -26.29 -0.05
C ILE A 223 2.30 -26.71 1.08
N ALA A 224 3.24 -27.60 0.77
CA ALA A 224 4.11 -28.18 1.80
C ALA A 224 5.25 -27.24 2.20
N PRO A 225 5.39 -27.02 3.52
CA PRO A 225 6.36 -26.09 4.12
C PRO A 225 7.79 -26.61 4.14
N PHE A 226 7.94 -27.93 4.00
CA PHE A 226 9.26 -28.52 3.94
C PHE A 226 9.17 -29.87 3.24
N ASP A 227 10.31 -30.46 2.90
CA ASP A 227 10.34 -31.83 2.36
C ASP A 227 9.97 -32.79 3.46
N GLY A 228 9.19 -33.82 3.15
CA GLY A 228 8.76 -34.75 4.18
C GLY A 228 7.81 -35.81 3.66
N VAL A 229 7.34 -36.69 4.54
CA VAL A 229 6.40 -37.71 4.09
C VAL A 229 5.08 -37.56 4.84
N VAL A 230 3.98 -37.84 4.14
CA VAL A 230 2.66 -37.65 4.73
C VAL A 230 2.36 -38.77 5.69
N ALA A 231 2.36 -38.40 6.97
CA ALA A 231 2.19 -39.34 8.07
C ALA A 231 0.72 -39.61 8.37
N LYS A 232 -0.14 -38.63 8.07
CA LYS A 232 -1.59 -38.77 8.28
C LYS A 232 -2.34 -37.83 7.35
N ARG A 233 -3.55 -38.23 6.98
CA ARG A 233 -4.43 -37.36 6.22
C ARG A 233 -5.79 -37.29 6.89
N PHE A 234 -6.18 -36.09 7.31
CA PHE A 234 -7.39 -35.96 8.10
C PHE A 234 -8.58 -35.54 7.28
N ILE A 235 -8.36 -35.25 6.00
CA ILE A 235 -9.42 -34.63 5.22
C ILE A 235 -9.81 -35.44 4.00
N SER A 236 -11.05 -35.27 3.59
CA SER A 236 -11.53 -35.90 2.40
C SER A 236 -12.15 -34.83 1.52
N ARG A 237 -12.15 -35.09 0.23
CA ARG A 237 -12.93 -34.32 -0.70
C ARG A 237 -14.32 -34.06 -0.14
N GLY A 238 -14.73 -32.80 -0.11
CA GLY A 238 -16.06 -32.44 0.35
C GLY A 238 -16.19 -32.10 1.83
N ASP A 239 -15.12 -32.28 2.59
CA ASP A 239 -15.15 -31.89 4.01
C ASP A 239 -15.05 -30.36 4.14
N VAL A 240 -15.78 -29.77 5.08
CA VAL A 240 -15.60 -28.33 5.35
C VAL A 240 -14.59 -28.17 6.47
N VAL A 241 -13.47 -27.54 6.18
CA VAL A 241 -12.49 -27.33 7.22
C VAL A 241 -12.49 -25.89 7.70
N ARG A 242 -11.83 -25.66 8.81
CA ARG A 242 -11.66 -24.35 9.33
C ARG A 242 -10.24 -23.92 9.24
N ALA A 243 -10.01 -22.64 9.33
CA ALA A 243 -8.63 -22.12 9.36
C ALA A 243 -7.87 -22.72 10.53
N GLY A 244 -6.69 -23.26 10.22
CA GLY A 244 -5.78 -23.79 11.22
C GLY A 244 -6.07 -25.19 11.68
N GLN A 245 -7.12 -25.78 11.16
CA GLN A 245 -7.49 -27.13 11.47
C GLN A 245 -6.71 -28.11 10.67
N PRO A 246 -6.09 -29.06 11.33
CA PRO A 246 -5.14 -30.02 10.76
C PRO A 246 -5.71 -30.80 9.58
N ALA A 247 -4.97 -30.77 8.46
CA ALA A 247 -5.32 -31.46 7.24
C ALA A 247 -4.41 -32.67 7.01
N PHE A 248 -3.10 -32.47 7.16
CA PHE A 248 -2.12 -33.57 7.11
C PHE A 248 -1.15 -33.49 8.26
N ALA A 249 -0.45 -34.59 8.49
CA ALA A 249 0.76 -34.57 9.28
C ALA A 249 1.98 -34.85 8.38
N LEU A 250 3.01 -34.02 8.50
CA LEU A 250 4.20 -34.18 7.69
C LEU A 250 5.39 -34.53 8.57
N VAL A 251 6.13 -35.56 8.18
CA VAL A 251 7.27 -36.01 8.94
C VAL A 251 8.55 -35.60 8.24
N ASN A 252 9.44 -34.99 9.01
CA ASN A 252 10.76 -34.68 8.52
C ASN A 252 11.55 -35.98 8.57
N PRO A 253 12.03 -36.42 7.41
CA PRO A 253 12.62 -37.76 7.33
C PRO A 253 13.80 -37.95 8.30
N GLU A 254 14.49 -36.88 8.66
CA GLU A 254 15.54 -36.98 9.67
C GLU A 254 14.97 -37.31 11.04
N SER A 255 13.64 -37.20 11.20
CA SER A 255 12.98 -37.46 12.48
C SER A 255 12.87 -38.94 12.78
N PHE A 256 12.83 -39.76 11.72
CA PHE A 256 12.63 -41.19 11.87
C PHE A 256 13.68 -41.93 12.72
N TYR A 257 13.19 -42.85 13.54
CA TYR A 257 14.02 -43.80 14.24
C TYR A 257 13.30 -45.13 14.33
N VAL A 258 14.02 -46.16 14.75
CA VAL A 258 13.40 -47.45 14.93
C VAL A 258 13.29 -47.72 16.40
N GLU A 259 12.13 -48.21 16.80
CA GLU A 259 11.90 -48.56 18.19
C GLU A 259 11.78 -50.06 18.29
N VAL A 260 12.59 -50.63 19.16
CA VAL A 260 12.64 -52.07 19.31
C VAL A 260 12.24 -52.42 20.73
N LEU A 261 11.32 -53.38 20.85
CA LEU A 261 10.92 -53.90 22.17
C LEU A 261 11.69 -55.18 22.46
N LEU A 262 12.70 -55.07 23.29
CA LEU A 262 13.62 -56.18 23.50
C LEU A 262 13.34 -56.95 24.79
N GLU A 263 13.24 -58.28 24.68
CA GLU A 263 13.12 -59.13 25.88
C GLU A 263 14.29 -58.83 26.81
N GLU A 264 14.03 -58.75 28.12
CA GLU A 264 15.06 -58.29 29.05
C GLU A 264 16.21 -59.27 29.09
N THR A 265 15.88 -60.54 28.85
CA THR A 265 16.83 -61.62 28.84
C THR A 265 17.89 -61.39 27.77
N LYS A 266 17.47 -61.11 26.54
CA LYS A 266 18.43 -60.94 25.46
C LYS A 266 18.97 -59.53 25.42
N LEU A 267 19.02 -58.87 26.57
CA LEU A 267 19.57 -57.53 26.60
C LEU A 267 20.98 -57.51 27.17
N LYS A 268 21.50 -58.71 27.44
CA LYS A 268 22.75 -58.89 28.20
C LYS A 268 23.84 -57.87 27.87
N GLY A 269 24.37 -57.92 26.66
CA GLY A 269 25.53 -57.10 26.33
C GLY A 269 25.24 -55.85 25.51
N VAL A 270 23.97 -55.44 25.52
CA VAL A 270 23.51 -54.30 24.73
C VAL A 270 23.72 -52.97 25.45
N LYS A 271 24.05 -51.93 24.70
CA LYS A 271 24.44 -50.69 25.32
C LYS A 271 24.42 -49.51 24.35
N VAL A 272 24.12 -48.32 24.87
CA VAL A 272 24.11 -47.13 24.03
C VAL A 272 25.42 -47.02 23.28
N GLY A 273 25.31 -46.79 21.98
CA GLY A 273 26.48 -46.66 21.12
C GLY A 273 26.66 -47.82 20.20
N ASN A 274 25.98 -48.94 20.51
CA ASN A 274 26.21 -50.16 19.77
C ASN A 274 25.57 -50.14 18.40
N LYS A 275 26.25 -50.75 17.43
CA LYS A 275 25.73 -50.88 16.07
C LYS A 275 24.40 -51.60 16.10
N ALA A 276 23.62 -51.42 15.04
CA ALA A 276 22.38 -52.14 14.91
C ALA A 276 22.01 -52.18 13.44
N TYR A 277 21.17 -53.15 13.08
CA TYR A 277 20.90 -53.46 11.69
C TYR A 277 19.42 -53.80 11.48
N VAL A 278 18.78 -53.07 10.59
CA VAL A 278 17.34 -53.16 10.44
C VAL A 278 16.94 -53.63 9.06
N ARG A 279 16.07 -54.64 9.01
CA ARG A 279 15.51 -55.08 7.75
C ARG A 279 14.00 -55.01 7.82
N LEU A 280 13.44 -54.06 7.08
CA LEU A 280 12.01 -53.86 7.05
C LEU A 280 11.37 -54.73 5.98
N ASP A 281 10.23 -55.32 6.31
CA ASP A 281 9.55 -56.19 5.35
C ASP A 281 9.24 -55.45 4.05
N ALA A 282 8.95 -54.17 4.15
CA ALA A 282 8.62 -53.38 2.97
C ALA A 282 9.80 -53.28 2.01
N TYR A 283 11.01 -53.35 2.53
CA TYR A 283 12.19 -53.16 1.68
C TYR A 283 13.23 -54.25 1.86
N PRO A 284 13.03 -55.37 1.18
CA PRO A 284 13.87 -56.58 1.18
C PRO A 284 15.31 -56.32 0.75
N ASP A 285 15.52 -55.37 -0.16
CA ASP A 285 16.83 -55.16 -0.74
C ASP A 285 17.58 -54.04 -0.04
N ILE A 286 17.08 -53.59 1.10
CA ILE A 286 17.76 -52.54 1.83
C ILE A 286 18.07 -52.88 3.28
N LEU A 287 19.29 -52.61 3.67
CA LEU A 287 19.70 -52.77 5.05
C LEU A 287 19.90 -51.42 5.72
N PHE A 288 18.92 -50.98 6.48
CA PHE A 288 19.11 -49.81 7.32
C PHE A 288 20.07 -50.15 8.44
N GLU A 289 20.69 -49.12 8.99
CA GLU A 289 21.84 -49.31 9.85
C GLU A 289 21.85 -48.20 10.89
N GLY A 290 22.20 -48.53 12.13
CA GLY A 290 22.24 -47.50 13.15
C GLY A 290 22.92 -47.88 14.43
N VAL A 291 22.86 -46.96 15.39
CA VAL A 291 23.36 -47.22 16.74
C VAL A 291 22.27 -47.07 17.79
N VAL A 292 22.51 -47.66 18.94
CA VAL A 292 21.59 -47.59 20.04
C VAL A 292 21.66 -46.20 20.68
N GLU A 293 20.56 -45.45 20.60
CA GLU A 293 20.51 -44.09 21.09
C GLU A 293 20.18 -44.05 22.59
N GLU A 294 19.22 -44.88 23.01
CA GLU A 294 18.89 -44.94 24.43
C GLU A 294 18.06 -46.17 24.82
N ILE A 295 18.13 -46.52 26.10
CA ILE A 295 17.36 -47.65 26.64
C ILE A 295 16.58 -47.23 27.87
N SER A 296 15.27 -47.42 27.83
CA SER A 296 14.41 -47.02 28.93
C SER A 296 14.47 -48.02 30.08
N PRO A 297 14.54 -47.50 31.32
CA PRO A 297 14.52 -48.34 32.53
C PRO A 297 13.41 -49.41 32.51
N VAL A 319 8.90 -62.33 27.94
CA VAL A 319 7.56 -61.77 27.85
C VAL A 319 7.49 -60.33 28.40
N GLN A 320 8.50 -59.93 29.19
CA GLN A 320 8.58 -58.58 29.77
C GLN A 320 9.61 -57.66 29.04
N ARG A 321 9.17 -57.02 27.97
CA ARG A 321 10.06 -56.42 26.98
C ARG A 321 10.54 -55.00 27.32
N ILE A 322 11.71 -54.63 26.84
CA ILE A 322 12.27 -53.31 27.12
C ILE A 322 12.46 -52.49 25.83
N PRO A 323 11.85 -51.29 25.79
CA PRO A 323 11.97 -50.41 24.63
C PRO A 323 13.39 -49.90 24.44
N VAL A 324 13.92 -50.13 23.25
CA VAL A 324 15.24 -49.62 22.89
C VAL A 324 15.10 -48.78 21.64
N LYS A 325 15.68 -47.58 21.71
CA LYS A 325 15.60 -46.61 20.63
C LYS A 325 16.85 -46.69 19.76
N ILE A 326 16.64 -46.79 18.45
CA ILE A 326 17.75 -46.85 17.52
C ILE A 326 17.79 -45.67 16.55
N LYS A 327 18.90 -44.93 16.57
CA LYS A 327 19.14 -43.86 15.59
C LYS A 327 19.68 -44.40 14.27
N ILE A 328 19.09 -43.95 13.16
CA ILE A 328 19.47 -44.43 11.84
C ILE A 328 20.69 -43.72 11.28
N THR A 329 21.60 -44.46 10.68
CA THR A 329 22.84 -43.87 10.21
C THR A 329 23.19 -44.19 8.77
N LYS A 330 22.51 -45.16 8.18
CA LYS A 330 22.67 -45.45 6.77
C LYS A 330 21.41 -46.10 6.22
N GLY A 331 21.02 -45.69 5.02
CA GLY A 331 19.78 -46.16 4.40
C GLY A 331 18.93 -44.98 3.94
N ASP A 332 18.03 -45.25 3.01
CA ASP A 332 17.24 -44.18 2.39
C ASP A 332 16.06 -43.70 3.26
N LEU A 333 16.27 -42.61 3.97
CA LEU A 333 15.25 -42.05 4.86
C LEU A 333 13.92 -41.70 4.19
N SER A 334 13.96 -41.24 2.96
CA SER A 334 12.74 -40.85 2.28
C SER A 334 11.83 -42.05 2.02
N LEU A 335 12.33 -43.25 2.32
CA LEU A 335 11.57 -44.47 2.09
C LEU A 335 10.78 -44.97 3.29
N LEU A 336 11.07 -44.43 4.49
CA LEU A 336 10.43 -44.91 5.71
C LEU A 336 9.00 -44.36 5.94
N ARG A 337 8.13 -45.20 6.50
CA ARG A 337 6.76 -44.84 6.91
C ARG A 337 6.55 -45.20 8.39
N VAL A 338 5.85 -44.38 9.16
CA VAL A 338 5.55 -44.73 10.56
C VAL A 338 4.79 -46.06 10.61
N GLY A 339 5.21 -46.99 11.46
CA GLY A 339 4.49 -48.22 11.63
C GLY A 339 5.09 -49.46 10.99
N MET A 340 6.12 -49.24 10.17
CA MET A 340 6.77 -50.34 9.48
C MET A 340 7.46 -51.28 10.47
N GLY A 341 7.34 -52.57 10.20
CA GLY A 341 8.02 -53.58 11.00
C GLY A 341 9.08 -54.33 10.22
N GLY A 342 9.63 -55.37 10.85
CA GLY A 342 10.71 -56.13 10.27
C GLY A 342 11.52 -56.82 11.34
N GLU A 343 12.83 -56.84 11.16
CA GLU A 343 13.71 -57.63 12.01
C GLU A 343 14.91 -56.79 12.33
N VAL A 344 15.43 -56.93 13.55
CA VAL A 344 16.53 -56.08 13.98
C VAL A 344 17.58 -56.85 14.74
N GLU A 345 18.85 -56.57 14.44
CA GLU A 345 19.96 -57.23 15.11
C GLU A 345 20.83 -56.19 15.80
N ILE A 346 21.01 -56.32 17.10
CA ILE A 346 21.89 -55.38 17.81
C ILE A 346 23.16 -56.06 18.27
N ARG A 347 24.24 -55.33 18.21
CA ARG A 347 25.53 -55.86 18.58
C ARG A 347 25.80 -55.82 20.07
N ARG A 348 26.04 -57.00 20.64
CA ARG A 348 26.44 -57.11 22.03
C ARG A 348 27.92 -56.75 22.23
N THR A 349 28.34 -56.56 23.48
CA THR A 349 29.74 -56.26 23.76
C THR A 349 30.28 -57.11 24.92
#